data_3F9Y
#
_entry.id   3F9Y
#
_cell.length_a   44.400
_cell.length_b   45.000
_cell.length_c   52.400
_cell.angle_alpha   91.40
_cell.angle_beta   115.30
_cell.angle_gamma   89.80
#
_symmetry.space_group_name_H-M   'P 1'
#
loop_
_entity.id
_entity.type
_entity.pdbx_description
1 polymer 'Histone-lysine N-methyltransferase SETD8'
2 polymer 'Histone H4'
3 non-polymer S-ADENOSYL-L-HOMOCYSTEINE
4 water water
#
loop_
_entity_poly.entity_id
_entity_poly.type
_entity_poly.pdbx_seq_one_letter_code
_entity_poly.pdbx_strand_id
1 'polypeptide(L)'
;GAMGSRKSKAELQSEERKRIDELIESGKEEGMKIDLIDGKGRGVIATKQFSRGDFVVEYHGDLIEITDAKKREALYAQDP
STGCYMYYFQYLSKTYCVDATRETNRLGRLINHSKCGNCQTKLHDIDGVPHLILIASRDIAAGEELLFDYGDRSKASIEA
HPWLKH
;
A,B
2 'polypeptide(L)' AKRHR(MLZ)VLRD E,F
#
# COMPACT_ATOMS: atom_id res chain seq x y z
N SER A 8 15.35 -4.41 41.23
CA SER A 8 14.52 -3.26 41.79
C SER A 8 13.68 -2.67 40.66
N LYS A 9 12.46 -2.24 40.97
CA LYS A 9 11.55 -1.64 39.98
C LYS A 9 12.24 -0.46 39.25
N ALA A 10 13.05 0.28 40.02
CA ALA A 10 13.80 1.45 39.55
C ALA A 10 14.77 1.12 38.39
N GLU A 11 15.75 0.26 38.67
CA GLU A 11 16.76 -0.14 37.66
C GLU A 11 16.12 -0.74 36.41
N LEU A 12 15.09 -1.57 36.61
CA LEU A 12 14.38 -2.22 35.51
C LEU A 12 13.63 -1.22 34.61
N GLN A 13 12.99 -0.22 35.22
CA GLN A 13 12.28 0.86 34.51
C GLN A 13 13.28 1.65 33.65
N SER A 14 14.47 1.90 34.20
CA SER A 14 15.59 2.54 33.49
C SER A 14 16.08 1.71 32.31
N GLU A 15 16.39 0.43 32.54
CA GLU A 15 16.82 -0.52 31.48
C GLU A 15 15.80 -0.57 30.32
N GLU A 16 14.51 -0.70 30.69
CA GLU A 16 13.38 -0.78 29.77
C GLU A 16 13.28 0.49 28.91
N ARG A 17 13.49 1.65 29.55
CA ARG A 17 13.44 2.92 28.82
C ARG A 17 14.58 3.00 27.81
N LYS A 18 15.76 2.51 28.20
CA LYS A 18 16.93 2.57 27.33
C LYS A 18 16.79 1.66 26.12
N ARG A 19 16.22 0.46 26.31
CA ARG A 19 15.95 -0.42 25.17
C ARG A 19 15.01 0.28 24.21
N ILE A 20 13.89 0.78 24.73
CA ILE A 20 12.84 1.33 23.85
C ILE A 20 13.40 2.53 23.11
N ASP A 21 14.01 3.47 23.85
CA ASP A 21 14.49 4.72 23.28
C ASP A 21 15.55 4.46 22.24
N GLU A 22 16.37 3.41 22.51
CA GLU A 22 17.38 3.04 21.52
C GLU A 22 16.80 2.67 20.20
N LEU A 23 15.67 1.97 20.30
CA LEU A 23 14.97 1.43 19.12
C LEU A 23 14.20 2.49 18.38
N ILE A 24 13.58 3.38 19.13
CA ILE A 24 12.88 4.54 18.54
C ILE A 24 13.89 5.32 17.69
N GLU A 25 14.97 5.71 18.34
CA GLU A 25 16.00 6.50 17.68
C GLU A 25 16.65 5.81 16.47
N SER A 26 17.02 4.53 16.58
CA SER A 26 17.61 3.84 15.43
C SER A 26 16.65 3.66 14.24
N GLY A 27 15.34 3.58 14.52
CA GLY A 27 14.32 3.32 13.50
C GLY A 27 14.56 1.95 12.94
N LYS A 28 15.30 1.16 13.71
CA LYS A 28 15.52 -0.23 13.39
C LYS A 28 14.22 -1.03 13.53
N GLU A 29 13.90 -1.75 12.45
CA GLU A 29 12.62 -2.47 12.32
C GLU A 29 12.91 -3.91 11.91
N GLU A 30 13.68 -4.57 12.76
CA GLU A 30 14.11 -5.93 12.50
C GLU A 30 13.02 -6.91 12.89
N GLY A 31 13.04 -8.08 12.29
CA GLY A 31 12.08 -9.10 12.68
C GLY A 31 10.74 -9.06 11.97
N MET A 32 10.64 -8.28 10.91
CA MET A 32 9.34 -8.06 10.20
C MET A 32 9.51 -8.02 8.69
N LYS A 33 8.47 -8.42 7.95
CA LYS A 33 8.47 -8.30 6.50
C LYS A 33 7.06 -7.98 5.98
N ILE A 34 6.99 -7.37 4.80
CA ILE A 34 5.67 -7.10 4.17
C ILE A 34 5.16 -8.37 3.41
N ASP A 35 3.86 -8.71 3.60
CA ASP A 35 3.25 -9.76 2.76
C ASP A 35 1.90 -9.22 2.24
N LEU A 36 1.37 -9.94 1.27
CA LEU A 36 0.00 -9.69 0.80
C LEU A 36 -0.96 -10.60 1.50
N ILE A 37 -2.03 -10.00 2.01
CA ILE A 37 -3.00 -10.69 2.87
C ILE A 37 -4.36 -10.66 2.17
N ASP A 38 -4.98 -11.82 1.96
CA ASP A 38 -6.27 -11.89 1.25
C ASP A 38 -7.33 -11.00 1.94
N GLY A 39 -7.88 -10.05 1.20
CA GLY A 39 -8.93 -9.19 1.70
C GLY A 39 -8.46 -7.98 2.50
N LYS A 40 -7.15 -7.85 2.73
CA LYS A 40 -6.61 -6.71 3.49
C LYS A 40 -5.66 -5.83 2.70
N GLY A 41 -5.06 -6.36 1.65
CA GLY A 41 -3.95 -5.64 0.98
C GLY A 41 -2.62 -6.07 1.56
N ARG A 42 -1.73 -5.12 1.80
CA ARG A 42 -0.45 -5.45 2.43
C ARG A 42 -0.70 -5.62 3.92
N GLY A 43 0.19 -6.42 4.52
CA GLY A 43 0.28 -6.51 5.98
C GLY A 43 1.71 -6.86 6.34
N VAL A 44 1.94 -6.94 7.66
CA VAL A 44 3.31 -7.20 8.13
C VAL A 44 3.33 -8.51 8.88
N ILE A 45 4.24 -9.39 8.51
CA ILE A 45 4.41 -10.72 9.09
C ILE A 45 5.66 -10.66 10.00
N ALA A 46 5.56 -11.29 11.16
CA ALA A 46 6.79 -11.46 12.01
C ALA A 46 7.70 -12.51 11.42
N THR A 47 9.01 -12.19 11.36
CA THR A 47 10.04 -13.13 10.85
C THR A 47 10.88 -13.73 11.96
N LYS A 48 10.60 -13.30 13.17
CA LYS A 48 11.26 -13.82 14.35
C LYS A 48 10.20 -13.84 15.43
N GLN A 49 10.53 -14.56 16.50
CA GLN A 49 9.70 -14.50 17.70
C GLN A 49 9.82 -13.16 18.38
N PHE A 50 8.69 -12.63 18.85
CA PHE A 50 8.68 -11.52 19.85
C PHE A 50 8.11 -12.01 21.17
N SER A 51 8.67 -11.56 22.30
CA SER A 51 8.14 -11.90 23.62
C SER A 51 7.16 -10.87 24.11
N ARG A 52 6.21 -11.31 24.93
CA ARG A 52 5.27 -10.41 25.55
C ARG A 52 6.03 -9.21 26.12
N GLY A 53 5.57 -8.00 25.79
CA GLY A 53 6.12 -6.79 26.28
C GLY A 53 7.20 -6.19 25.40
N ASP A 54 7.71 -6.95 24.44
CA ASP A 54 8.80 -6.44 23.56
C ASP A 54 8.32 -5.28 22.69
N PHE A 55 9.16 -4.29 22.50
CA PHE A 55 9.05 -3.35 21.41
C PHE A 55 9.00 -4.07 20.06
N VAL A 56 7.93 -3.78 19.29
CA VAL A 56 7.79 -4.34 17.97
C VAL A 56 8.24 -3.29 16.94
N VAL A 57 7.57 -2.16 16.95
CA VAL A 57 7.78 -1.11 15.97
C VAL A 57 7.12 0.16 16.40
N GLU A 58 7.70 1.29 16.00
CA GLU A 58 7.00 2.53 16.16
C GLU A 58 5.92 2.74 15.11
N TYR A 59 4.82 3.41 15.50
CA TYR A 59 3.86 3.89 14.48
C TYR A 59 4.42 5.23 14.06
N HIS A 60 5.20 5.21 13.00
CA HIS A 60 6.02 6.34 12.63
C HIS A 60 5.38 7.07 11.46
N GLY A 61 5.35 8.37 11.59
CA GLY A 61 4.79 9.23 10.56
C GLY A 61 5.01 10.65 11.02
N ASP A 62 4.18 11.55 10.51
CA ASP A 62 4.32 12.95 10.88
C ASP A 62 3.51 13.21 12.14
N LEU A 63 4.17 13.65 13.21
CA LEU A 63 3.48 14.08 14.43
C LEU A 63 2.94 15.51 14.29
N ILE A 64 1.62 15.64 14.36
CA ILE A 64 0.95 16.90 14.12
C ILE A 64 -0.07 17.19 15.24
N GLU A 65 -0.53 18.43 15.36
CA GLU A 65 -1.59 18.74 16.32
C GLU A 65 -2.95 18.86 15.61
N ILE A 66 -3.98 19.22 16.37
CA ILE A 66 -5.37 19.04 15.91
C ILE A 66 -5.75 19.87 14.67
N THR A 67 -5.26 21.09 14.60
CA THR A 67 -5.62 21.98 13.52
C THR A 67 -5.07 21.45 12.20
N ASP A 68 -3.80 21.05 12.21
CA ASP A 68 -3.22 20.47 11.01
C ASP A 68 -3.93 19.15 10.67
N ALA A 69 -4.19 18.32 11.67
CA ALA A 69 -4.88 17.08 11.37
C ALA A 69 -6.22 17.27 10.62
N LYS A 70 -7.02 18.25 11.05
CA LYS A 70 -8.30 18.55 10.41
C LYS A 70 -8.15 19.00 8.98
N LYS A 71 -7.17 19.89 8.75
CA LYS A 71 -6.84 20.35 7.41
C LYS A 71 -6.50 19.15 6.54
N ARG A 72 -5.68 18.23 7.05
CA ARG A 72 -5.26 17.12 6.22
C ARG A 72 -6.41 16.16 5.85
N GLU A 73 -7.29 15.86 6.81
CA GLU A 73 -8.43 14.93 6.60
C GLU A 73 -9.36 15.45 5.50
N ALA A 74 -9.62 16.74 5.53
CA ALA A 74 -10.48 17.40 4.53
C ALA A 74 -9.92 17.18 3.12
N LEU A 75 -8.59 17.23 3.01
CA LEU A 75 -7.88 17.01 1.76
C LEU A 75 -7.90 15.54 1.35
N TYR A 76 -7.59 14.67 2.30
CA TYR A 76 -7.57 13.25 2.03
C TYR A 76 -8.92 12.69 1.56
N ALA A 77 -10.01 13.17 2.15
CA ALA A 77 -11.35 12.68 1.84
C ALA A 77 -11.75 12.91 0.37
N GLN A 78 -11.12 13.90 -0.26
CA GLN A 78 -11.41 14.24 -1.65
C GLN A 78 -10.74 13.24 -2.63
N ASP A 79 -10.01 12.26 -2.08
CA ASP A 79 -9.33 11.22 -2.87
C ASP A 79 -9.50 9.77 -2.31
N PRO A 80 -10.35 8.94 -2.95
CA PRO A 80 -10.61 7.54 -2.51
C PRO A 80 -9.36 6.66 -2.40
N SER A 81 -8.37 6.91 -3.25
CA SER A 81 -7.14 6.11 -3.28
C SER A 81 -6.15 6.39 -2.14
N THR A 82 -6.38 7.47 -1.39
CA THR A 82 -5.52 7.88 -0.26
C THR A 82 -5.33 6.80 0.85
N GLY A 83 -6.42 6.28 1.36
CA GLY A 83 -6.30 5.33 2.42
C GLY A 83 -6.20 6.07 3.75
N CYS A 84 -6.30 5.28 4.81
CA CYS A 84 -6.62 5.80 6.13
C CYS A 84 -5.49 5.42 7.10
N TYR A 85 -4.61 6.38 7.35
CA TYR A 85 -3.37 6.16 8.10
C TYR A 85 -3.18 7.14 9.26
N MET A 86 -4.21 7.90 9.61
CA MET A 86 -4.08 8.87 10.71
C MET A 86 -4.40 8.20 12.05
N TYR A 87 -3.53 8.40 13.03
CA TYR A 87 -3.60 7.79 14.32
C TYR A 87 -3.66 8.89 15.41
N TYR A 88 -4.85 9.09 15.96
CA TYR A 88 -5.10 10.15 16.92
C TYR A 88 -4.92 9.70 18.38
N PHE A 89 -4.45 10.61 19.24
CA PHE A 89 -4.30 10.34 20.66
C PHE A 89 -4.33 11.63 21.45
N GLN A 90 -4.44 11.46 22.76
CA GLN A 90 -4.48 12.59 23.70
C GLN A 90 -3.17 12.61 24.48
N TYR A 91 -2.65 13.82 24.69
CA TYR A 91 -1.40 13.95 25.42
C TYR A 91 -1.37 15.33 26.04
N LEU A 92 -1.34 15.34 27.39
CA LEU A 92 -1.33 16.54 28.21
C LEU A 92 -2.47 17.49 27.84
N SER A 93 -3.68 16.89 27.70
CA SER A 93 -4.92 17.66 27.51
C SER A 93 -5.02 18.24 26.12
N LYS A 94 -4.16 17.78 25.20
CA LYS A 94 -4.25 18.17 23.78
C LYS A 94 -4.38 16.92 22.89
N THR A 95 -4.97 17.09 21.70
CA THR A 95 -5.03 16.03 20.74
C THR A 95 -3.87 16.13 19.76
N TYR A 96 -3.19 15.01 19.56
CA TYR A 96 -2.19 14.88 18.50
C TYR A 96 -2.55 13.80 17.51
N CYS A 97 -1.77 13.67 16.44
CA CYS A 97 -2.04 12.67 15.46
C CYS A 97 -0.69 12.26 14.86
N VAL A 98 -0.43 10.97 14.72
CA VAL A 98 0.67 10.55 13.85
C VAL A 98 0.02 10.25 12.49
N ASP A 99 0.36 11.08 11.52
CA ASP A 99 -0.22 10.92 10.18
C ASP A 99 0.78 10.17 9.31
N ALA A 100 0.48 8.88 9.08
CA ALA A 100 1.36 8.03 8.30
C ALA A 100 0.83 7.83 6.88
N THR A 101 0.08 8.82 6.38
CA THR A 101 -0.52 8.64 5.05
C THR A 101 0.54 8.54 3.93
N ARG A 102 1.64 9.27 4.06
CA ARG A 102 2.68 9.24 3.05
C ARG A 102 3.34 7.87 2.96
N GLU A 103 3.46 7.32 1.76
CA GLU A 103 4.17 6.07 1.59
C GLU A 103 5.64 6.29 2.00
N THR A 104 6.08 5.40 2.88
CA THR A 104 7.45 5.31 3.32
C THR A 104 7.81 3.81 3.33
N ASN A 105 9.03 3.50 3.77
CA ASN A 105 9.42 2.10 3.93
C ASN A 105 9.20 1.67 5.37
N ARG A 106 8.56 2.51 6.19
CA ARG A 106 8.35 2.16 7.60
C ARG A 106 7.20 1.16 7.68
N LEU A 107 7.28 0.27 8.66
CA LEU A 107 6.32 -0.85 8.69
C LEU A 107 5.14 -0.67 9.61
N GLY A 108 5.18 0.18 10.62
CA GLY A 108 4.07 0.30 11.56
C GLY A 108 2.77 0.63 10.80
N ARG A 109 2.90 1.50 9.81
CA ARG A 109 1.74 1.99 9.04
C ARG A 109 1.08 0.92 8.17
N LEU A 110 1.74 -0.22 8.00
CA LEU A 110 1.18 -1.30 7.12
C LEU A 110 0.53 -2.36 7.96
N ILE A 111 0.50 -2.20 9.29
CA ILE A 111 -0.04 -3.26 10.12
C ILE A 111 -1.58 -3.15 10.10
N ASN A 112 -2.23 -4.29 9.88
CA ASN A 112 -3.72 -4.35 9.79
C ASN A 112 -4.38 -4.43 11.14
N HIS A 113 -5.74 -4.36 11.12
CA HIS A 113 -6.56 -4.23 12.30
C HIS A 113 -7.05 -5.58 12.75
N SER A 114 -7.11 -5.73 14.08
CA SER A 114 -7.95 -6.74 14.69
C SER A 114 -8.29 -6.29 16.07
N LYS A 115 -9.50 -6.51 16.56
CA LYS A 115 -9.77 -6.24 17.95
C LYS A 115 -9.11 -7.27 18.85
N CYS A 116 -8.68 -8.41 18.30
CA CYS A 116 -7.99 -9.45 19.08
C CYS A 116 -6.65 -9.77 18.45
N GLY A 117 -5.82 -8.73 18.38
CA GLY A 117 -4.53 -8.88 17.70
C GLY A 117 -3.41 -9.28 18.66
N ASN A 118 -2.18 -8.91 18.29
CA ASN A 118 -1.04 -9.34 19.10
C ASN A 118 -0.14 -8.19 19.45
N CYS A 119 -0.55 -6.99 19.10
CA CYS A 119 0.18 -5.79 19.51
C CYS A 119 -0.74 -4.81 20.18
N GLN A 120 -0.19 -4.00 21.07
CA GLN A 120 -0.97 -2.95 21.73
C GLN A 120 -0.17 -1.68 21.55
N THR A 121 -0.85 -0.58 21.27
CA THR A 121 -0.16 0.68 21.08
C THR A 121 -0.03 1.36 22.43
N LYS A 122 1.16 1.92 22.67
CA LYS A 122 1.44 2.65 23.92
C LYS A 122 1.94 4.02 23.59
N LEU A 123 1.56 4.99 24.42
CA LEU A 123 2.14 6.32 24.34
C LEU A 123 3.47 6.28 25.13
N HIS A 124 4.55 6.64 24.44
CA HIS A 124 5.87 6.61 25.05
C HIS A 124 6.49 7.98 24.93
N ASP A 125 6.63 8.61 26.09
CA ASP A 125 7.14 9.94 26.22
C ASP A 125 8.66 9.94 26.13
N ILE A 126 9.19 10.76 25.23
CA ILE A 126 10.60 11.01 25.31
C ILE A 126 10.70 12.52 25.49
N ASP A 127 11.07 12.93 26.70
CA ASP A 127 11.17 14.33 27.07
C ASP A 127 10.00 15.25 26.60
N GLY A 128 8.75 14.77 26.83
CA GLY A 128 7.61 15.60 26.48
C GLY A 128 7.22 15.54 25.02
N VAL A 129 7.96 14.75 24.22
CA VAL A 129 7.59 14.44 22.81
C VAL A 129 6.98 13.05 22.78
N PRO A 130 5.69 12.97 22.44
CA PRO A 130 5.05 11.66 22.47
C PRO A 130 5.39 10.82 21.21
N HIS A 131 5.59 9.53 21.44
CA HIS A 131 5.68 8.54 20.33
C HIS A 131 4.68 7.45 20.57
N LEU A 132 4.10 6.93 19.48
CA LEU A 132 3.19 5.78 19.54
C LEU A 132 4.01 4.56 19.18
N ILE A 133 4.12 3.64 20.11
CA ILE A 133 4.86 2.43 19.87
C ILE A 133 3.93 1.22 19.95
N LEU A 134 4.26 0.18 19.22
CA LEU A 134 3.48 -1.08 19.29
C LEU A 134 4.37 -2.01 20.08
N ILE A 135 3.80 -2.57 21.13
CA ILE A 135 4.42 -3.54 22.02
C ILE A 135 3.70 -4.87 21.80
N ALA A 136 4.38 -5.99 21.89
CA ALA A 136 3.76 -7.33 21.81
C ALA A 136 2.85 -7.46 23.03
N SER A 137 1.57 -7.78 22.78
CA SER A 137 0.65 -7.99 23.89
C SER A 137 0.69 -9.41 24.40
N ARG A 138 1.46 -10.24 23.70
CA ARG A 138 1.62 -11.65 24.04
C ARG A 138 2.85 -12.08 23.24
N ASP A 139 3.32 -13.30 23.49
CA ASP A 139 4.35 -13.84 22.66
C ASP A 139 3.81 -13.94 21.23
N ILE A 140 4.65 -13.60 20.26
CA ILE A 140 4.26 -13.64 18.82
C ILE A 140 5.18 -14.61 18.13
N ALA A 141 4.59 -15.54 17.40
CA ALA A 141 5.31 -16.57 16.65
C ALA A 141 5.78 -16.02 15.30
N ALA A 142 6.98 -16.37 14.85
CA ALA A 142 7.38 -16.06 13.48
C ALA A 142 6.25 -16.62 12.54
N GLY A 143 5.91 -15.85 11.51
CA GLY A 143 4.87 -16.22 10.51
C GLY A 143 3.54 -15.56 10.82
N GLU A 144 3.33 -15.10 12.04
CA GLU A 144 2.08 -14.39 12.34
C GLU A 144 1.99 -13.08 11.62
N GLU A 145 0.78 -12.71 11.20
CA GLU A 145 0.46 -11.31 10.89
C GLU A 145 0.49 -10.48 12.18
N LEU A 146 1.19 -9.35 12.17
CA LEU A 146 1.09 -8.38 13.27
C LEU A 146 -0.25 -7.65 13.13
N LEU A 147 -0.98 -7.49 14.23
CA LEU A 147 -2.28 -6.85 14.19
C LEU A 147 -2.53 -6.11 15.48
N PHE A 148 -3.15 -4.94 15.39
CA PHE A 148 -3.60 -4.28 16.62
C PHE A 148 -4.97 -3.62 16.41
N ASP A 149 -5.55 -3.15 17.49
CA ASP A 149 -6.92 -2.58 17.41
C ASP A 149 -6.78 -1.14 16.96
N TYR A 150 -7.32 -0.86 15.76
CA TYR A 150 -7.28 0.51 15.29
C TYR A 150 -8.04 1.44 16.19
N GLY A 151 -9.06 0.95 16.89
CA GLY A 151 -9.75 1.76 17.89
C GLY A 151 -10.92 2.61 17.43
N ASP A 152 -11.17 2.60 16.11
CA ASP A 152 -12.32 3.40 15.60
C ASP A 152 -13.59 2.56 15.61
N ARG A 153 -14.49 2.88 16.51
CA ARG A 153 -15.71 2.11 16.74
C ARG A 153 -16.95 2.82 16.20
N SER A 154 -16.72 3.95 15.58
CA SER A 154 -17.85 4.81 15.17
C SER A 154 -18.75 4.15 14.14
N LYS A 155 -20.04 4.43 14.24
CA LYS A 155 -21.04 3.88 13.34
C LYS A 155 -20.70 4.19 11.88
N ALA A 156 -20.24 5.42 11.60
CA ALA A 156 -19.92 5.85 10.22
C ALA A 156 -18.78 4.98 9.69
N SER A 157 -17.88 4.59 10.59
CA SER A 157 -16.68 3.90 10.09
C SER A 157 -16.93 2.44 9.97
N ILE A 158 -17.57 1.84 10.92
CA ILE A 158 -17.79 0.42 10.89
C ILE A 158 -18.82 0.01 9.78
N GLU A 159 -19.70 0.94 9.39
CA GLU A 159 -20.60 0.76 8.24
C GLU A 159 -19.84 0.80 6.89
N ALA A 160 -18.99 1.79 6.69
CA ALA A 160 -18.17 1.84 5.49
C ALA A 160 -17.17 0.65 5.49
N HIS A 161 -16.56 0.40 6.65
CA HIS A 161 -15.44 -0.55 6.74
C HIS A 161 -15.77 -1.66 7.74
N PRO A 162 -16.57 -2.64 7.36
CA PRO A 162 -17.14 -3.65 8.30
C PRO A 162 -16.17 -4.54 9.00
N TRP A 163 -14.97 -4.70 8.44
CA TRP A 163 -13.88 -5.43 9.10
C TRP A 163 -13.44 -4.75 10.44
N LEU A 164 -13.82 -3.49 10.64
CA LEU A 164 -13.52 -2.83 11.95
C LEU A 164 -14.21 -3.52 13.08
N LYS A 165 -15.34 -4.19 12.76
CA LYS A 165 -16.13 -4.89 13.77
C LYS A 165 -15.40 -6.12 14.38
N HIS A 166 -14.39 -6.63 13.68
CA HIS A 166 -13.72 -7.87 14.10
C HIS A 166 -12.37 -7.65 14.81
N LYS B 7 -26.78 17.10 -19.38
CA LYS B 7 -27.04 15.69 -18.96
C LYS B 7 -26.98 15.56 -17.45
N SER B 8 -27.82 14.67 -16.90
CA SER B 8 -27.76 14.33 -15.47
C SER B 8 -26.43 13.66 -15.09
N LYS B 9 -26.14 13.57 -13.79
CA LYS B 9 -24.94 12.87 -13.29
C LYS B 9 -24.93 11.39 -13.71
N ALA B 10 -26.09 10.75 -13.52
CA ALA B 10 -26.32 9.34 -13.86
C ALA B 10 -26.07 9.00 -15.34
N GLU B 11 -26.54 9.89 -16.23
CA GLU B 11 -26.32 9.77 -17.67
C GLU B 11 -24.85 9.87 -18.02
N LEU B 12 -24.19 10.92 -17.56
CA LEU B 12 -22.76 11.13 -17.84
C LEU B 12 -21.87 9.99 -17.33
N GLN B 13 -22.29 9.37 -16.23
CA GLN B 13 -21.51 8.30 -15.63
C GLN B 13 -21.72 7.00 -16.39
N SER B 14 -22.96 6.79 -16.84
CA SER B 14 -23.30 5.66 -17.71
C SER B 14 -22.49 5.69 -19.02
N GLU B 15 -22.57 6.82 -19.72
CA GLU B 15 -21.82 7.04 -20.96
C GLU B 15 -20.29 6.90 -20.79
N GLU B 16 -19.74 7.45 -19.69
CA GLU B 16 -18.32 7.37 -19.39
C GLU B 16 -17.86 5.93 -19.13
N ARG B 17 -18.67 5.21 -18.35
CA ARG B 17 -18.38 3.79 -18.07
C ARG B 17 -18.40 2.98 -19.35
N LYS B 18 -19.40 3.21 -20.20
CA LYS B 18 -19.47 2.48 -21.46
C LYS B 18 -18.26 2.73 -22.36
N ARG B 19 -17.75 3.97 -22.38
CA ARG B 19 -16.53 4.24 -23.14
C ARG B 19 -15.36 3.44 -22.61
N ILE B 20 -15.19 3.39 -21.28
CA ILE B 20 -14.07 2.65 -20.72
C ILE B 20 -14.27 1.15 -20.97
N ASP B 21 -15.51 0.66 -20.80
CA ASP B 21 -15.80 -0.75 -21.10
C ASP B 21 -15.38 -1.09 -22.52
N GLU B 22 -15.73 -0.24 -23.48
CA GLU B 22 -15.38 -0.52 -24.86
C GLU B 22 -13.87 -0.46 -25.16
N LEU B 23 -13.15 0.43 -24.48
CA LEU B 23 -11.68 0.51 -24.59
C LEU B 23 -11.12 -0.82 -24.05
N ILE B 24 -11.64 -1.26 -22.90
CA ILE B 24 -11.17 -2.55 -22.34
C ILE B 24 -11.45 -3.72 -23.25
N GLU B 25 -12.70 -3.83 -23.69
CA GLU B 25 -13.12 -4.98 -24.45
C GLU B 25 -12.51 -5.05 -25.82
N SER B 26 -12.29 -3.92 -26.46
CA SER B 26 -11.69 -3.91 -27.78
C SER B 26 -10.20 -4.23 -27.75
N GLY B 27 -9.56 -3.92 -26.64
CA GLY B 27 -8.11 -4.19 -26.47
C GLY B 27 -7.28 -3.26 -27.34
N LYS B 28 -7.90 -2.17 -27.79
CA LYS B 28 -7.22 -1.10 -28.48
C LYS B 28 -6.24 -0.39 -27.50
N GLU B 29 -5.01 -0.33 -27.95
CA GLU B 29 -3.94 0.24 -27.17
C GLU B 29 -3.24 1.31 -27.96
N GLU B 30 -3.96 2.40 -28.21
CA GLU B 30 -3.48 3.45 -29.07
C GLU B 30 -2.69 4.46 -28.31
N GLY B 31 -1.77 5.09 -29.02
CA GLY B 31 -1.04 6.23 -28.48
C GLY B 31 0.17 5.82 -27.71
N MET B 32 0.66 4.61 -27.97
CA MET B 32 1.80 4.07 -27.21
C MET B 32 2.70 3.25 -28.11
N LYS B 33 4.01 3.25 -27.82
CA LYS B 33 4.96 2.36 -28.52
C LYS B 33 5.98 1.77 -27.54
N ILE B 34 6.47 0.59 -27.88
CA ILE B 34 7.61 0.00 -27.13
C ILE B 34 8.90 0.69 -27.52
N ASP B 35 9.77 0.97 -26.54
CA ASP B 35 11.10 1.49 -26.87
C ASP B 35 12.12 0.90 -25.87
N LEU B 36 13.41 0.96 -26.16
CA LEU B 36 14.45 0.64 -25.17
C LEU B 36 14.72 1.89 -24.32
N ILE B 37 14.72 1.72 -23.00
CA ILE B 37 14.88 2.82 -22.06
C ILE B 37 16.19 2.62 -21.30
N ASP B 38 17.04 3.65 -21.23
CA ASP B 38 18.38 3.57 -20.67
C ASP B 38 18.35 3.10 -19.21
N GLY B 39 19.07 2.00 -18.95
CA GLY B 39 19.07 1.47 -17.61
C GLY B 39 17.81 0.66 -17.21
N LYS B 40 16.78 0.52 -18.08
CA LYS B 40 15.50 -0.11 -17.64
C LYS B 40 15.07 -1.30 -18.51
N GLY B 41 15.76 -1.59 -19.60
CA GLY B 41 15.27 -2.64 -20.54
C GLY B 41 14.29 -2.02 -21.51
N ARG B 42 13.19 -2.74 -21.80
CA ARG B 42 12.10 -2.18 -22.62
C ARG B 42 11.24 -1.29 -21.74
N GLY B 43 10.57 -0.32 -22.37
CA GLY B 43 9.53 0.46 -21.71
C GLY B 43 8.51 0.91 -22.74
N VAL B 44 7.59 1.76 -22.26
CA VAL B 44 6.50 2.20 -23.16
C VAL B 44 6.49 3.71 -23.19
N ILE B 45 6.50 4.22 -24.41
CA ILE B 45 6.52 5.69 -24.60
C ILE B 45 5.18 6.12 -25.15
N ALA B 46 4.70 7.25 -24.62
CA ALA B 46 3.49 7.86 -25.19
C ALA B 46 3.86 8.43 -26.55
N THR B 47 3.06 8.12 -27.55
CA THR B 47 3.24 8.72 -28.88
C THR B 47 2.19 9.79 -29.16
N LYS B 48 1.36 10.08 -28.17
CA LYS B 48 0.39 11.17 -28.22
C LYS B 48 0.27 11.77 -26.83
N GLN B 49 -0.22 13.01 -26.73
CA GLN B 49 -0.60 13.55 -25.42
C GLN B 49 -1.75 12.75 -24.81
N PHE B 50 -1.68 12.57 -23.50
CA PHE B 50 -2.80 12.10 -22.69
C PHE B 50 -3.11 13.23 -21.71
N SER B 51 -4.40 13.37 -21.40
CA SER B 51 -4.82 14.35 -20.42
C SER B 51 -5.01 13.65 -19.12
N ARG B 52 -4.78 14.39 -18.04
CA ARG B 52 -5.03 13.86 -16.72
C ARG B 52 -6.42 13.22 -16.70
N GLY B 53 -6.47 12.00 -16.15
CA GLY B 53 -7.70 11.25 -16.08
C GLY B 53 -8.02 10.39 -17.30
N ASP B 54 -7.26 10.54 -18.38
CA ASP B 54 -7.52 9.73 -19.59
C ASP B 54 -7.15 8.27 -19.36
N PHE B 55 -7.93 7.35 -19.90
CA PHE B 55 -7.54 5.94 -19.98
C PHE B 55 -6.26 5.81 -20.78
N VAL B 56 -5.31 5.03 -20.25
CA VAL B 56 -4.07 4.79 -20.97
C VAL B 56 -4.05 3.40 -21.54
N VAL B 57 -4.11 2.43 -20.62
CA VAL B 57 -4.05 1.05 -21.05
C VAL B 57 -4.48 0.16 -19.92
N GLU B 58 -5.01 -1.04 -20.24
CA GLU B 58 -5.26 -2.02 -19.22
C GLU B 58 -3.94 -2.67 -18.80
N TYR B 59 -3.81 -2.99 -17.51
CA TYR B 59 -2.74 -3.93 -17.13
C TYR B 59 -3.37 -5.31 -17.38
N HIS B 60 -3.12 -5.87 -18.55
CA HIS B 60 -3.83 -7.04 -19.06
C HIS B 60 -2.97 -8.28 -18.80
N GLY B 61 -3.61 -9.35 -18.35
CA GLY B 61 -2.93 -10.62 -18.17
C GLY B 61 -3.94 -11.60 -17.62
N ASP B 62 -3.46 -12.64 -16.95
CA ASP B 62 -4.32 -13.67 -16.39
C ASP B 62 -4.89 -13.22 -15.06
N LEU B 63 -6.19 -13.08 -14.92
CA LEU B 63 -6.79 -12.71 -13.64
C LEU B 63 -6.94 -13.96 -12.80
N ILE B 64 -6.23 -13.93 -11.68
CA ILE B 64 -6.15 -15.06 -10.77
C ILE B 64 -6.32 -14.65 -9.31
N GLU B 65 -6.69 -15.58 -8.46
CA GLU B 65 -6.84 -15.29 -7.03
C GLU B 65 -5.49 -15.38 -6.32
N ILE B 66 -5.43 -14.80 -5.13
CA ILE B 66 -4.12 -14.64 -4.43
C ILE B 66 -3.42 -16.00 -4.18
N THR B 67 -4.20 -17.04 -3.85
CA THR B 67 -3.57 -18.33 -3.52
C THR B 67 -2.82 -18.88 -4.73
N ASP B 68 -3.46 -18.77 -5.89
CA ASP B 68 -2.94 -19.18 -7.20
C ASP B 68 -1.71 -18.36 -7.59
N ALA B 69 -1.78 -17.06 -7.38
CA ALA B 69 -0.67 -16.15 -7.65
C ALA B 69 0.58 -16.53 -6.85
N LYS B 70 0.40 -16.83 -5.56
CA LYS B 70 1.54 -17.18 -4.70
C LYS B 70 2.19 -18.51 -5.15
N LYS B 71 1.36 -19.44 -5.63
CA LYS B 71 1.85 -20.69 -6.26
C LYS B 71 2.67 -20.41 -7.52
N ARG B 72 2.17 -19.57 -8.39
CA ARG B 72 2.91 -19.21 -9.58
C ARG B 72 4.24 -18.53 -9.29
N GLU B 73 4.25 -17.61 -8.33
CA GLU B 73 5.51 -16.96 -7.92
C GLU B 73 6.59 -17.95 -7.49
N ALA B 74 6.20 -18.97 -6.74
CA ALA B 74 7.17 -19.98 -6.28
C ALA B 74 7.83 -20.66 -7.47
N LEU B 75 7.04 -20.88 -8.52
CA LEU B 75 7.50 -21.53 -9.74
C LEU B 75 8.37 -20.63 -10.61
N TYR B 76 7.96 -19.36 -10.72
CA TYR B 76 8.72 -18.40 -11.50
C TYR B 76 10.09 -18.20 -10.89
N ALA B 77 10.17 -18.23 -9.55
CA ALA B 77 11.44 -18.10 -8.83
C ALA B 77 12.50 -19.14 -9.23
N GLN B 78 12.07 -20.27 -9.80
CA GLN B 78 13.00 -21.35 -10.18
C GLN B 78 13.81 -20.95 -11.43
N ASP B 79 13.37 -19.86 -12.06
CA ASP B 79 14.08 -19.34 -13.21
C ASP B 79 14.47 -17.85 -12.99
N PRO B 80 15.75 -17.60 -12.62
CA PRO B 80 16.12 -16.23 -12.31
C PRO B 80 15.98 -15.31 -13.53
N SER B 81 15.86 -15.90 -14.72
CA SER B 81 15.70 -15.11 -15.94
C SER B 81 14.24 -14.74 -16.29
N THR B 82 13.26 -15.06 -15.44
CA THR B 82 11.83 -14.84 -15.85
C THR B 82 11.20 -13.40 -15.85
N GLY B 83 11.56 -12.59 -14.88
CA GLY B 83 10.95 -11.30 -14.70
C GLY B 83 9.69 -11.29 -13.84
N CYS B 84 9.37 -10.08 -13.41
CA CYS B 84 8.39 -9.84 -12.37
C CYS B 84 7.23 -9.01 -12.93
N TYR B 85 6.13 -9.72 -13.19
CA TYR B 85 4.95 -9.14 -13.86
C TYR B 85 3.63 -9.35 -13.13
N MET B 86 3.70 -9.67 -11.86
CA MET B 86 2.46 -9.93 -11.12
C MET B 86 2.01 -8.71 -10.37
N TYR B 87 0.74 -8.37 -10.53
CA TYR B 87 0.17 -7.17 -9.97
C TYR B 87 -1.01 -7.49 -9.03
N TYR B 88 -0.75 -7.42 -7.76
CA TYR B 88 -1.74 -7.75 -6.75
C TYR B 88 -2.63 -6.58 -6.41
N PHE B 89 -3.90 -6.85 -6.08
CA PHE B 89 -4.84 -5.78 -5.72
C PHE B 89 -6.01 -6.38 -4.96
N GLN B 90 -6.70 -5.50 -4.26
CA GLN B 90 -7.98 -5.83 -3.56
C GLN B 90 -9.21 -5.52 -4.42
N TYR B 91 -10.20 -6.41 -4.34
CA TYR B 91 -11.50 -6.19 -5.02
C TYR B 91 -12.51 -6.77 -4.06
N LEU B 92 -13.36 -5.89 -3.54
CA LEU B 92 -14.31 -6.23 -2.50
C LEU B 92 -13.55 -6.85 -1.30
N SER B 93 -13.89 -8.06 -0.94
CA SER B 93 -13.30 -8.62 0.28
C SER B 93 -12.20 -9.63 -0.04
N LYS B 94 -11.74 -9.60 -1.28
CA LYS B 94 -10.70 -10.52 -1.73
C LYS B 94 -9.47 -9.84 -2.33
N THR B 95 -8.36 -10.60 -2.45
CA THR B 95 -7.16 -10.16 -3.12
C THR B 95 -6.97 -11.02 -4.39
N TYR B 96 -6.78 -10.31 -5.48
CA TYR B 96 -6.50 -10.92 -6.77
C TYR B 96 -5.14 -10.49 -7.30
N CYS B 97 -4.77 -11.04 -8.44
CA CYS B 97 -3.52 -10.70 -9.10
C CYS B 97 -3.81 -10.77 -10.62
N VAL B 98 -3.26 -9.79 -11.33
CA VAL B 98 -3.14 -9.92 -12.77
C VAL B 98 -1.73 -10.41 -13.06
N ASP B 99 -1.62 -11.61 -13.56
CA ASP B 99 -0.31 -12.20 -13.81
C ASP B 99 -0.07 -11.95 -15.27
N ALA B 100 0.83 -10.99 -15.54
CA ALA B 100 1.17 -10.71 -16.94
C ALA B 100 2.53 -11.29 -17.34
N THR B 101 2.90 -12.41 -16.73
CA THR B 101 4.24 -12.97 -16.99
C THR B 101 4.40 -13.40 -18.43
N ARG B 102 3.36 -13.98 -19.02
CA ARG B 102 3.41 -14.43 -20.42
C ARG B 102 3.66 -13.28 -21.39
N GLU B 103 4.54 -13.51 -22.37
CA GLU B 103 4.93 -12.50 -23.30
C GLU B 103 3.82 -12.46 -24.33
N THR B 104 3.12 -11.32 -24.30
CA THR B 104 2.02 -11.06 -25.26
C THR B 104 2.34 -9.77 -26.00
N ASN B 105 1.41 -9.32 -26.87
CA ASN B 105 1.57 -8.01 -27.46
C ASN B 105 1.01 -6.83 -26.65
N ARG B 106 0.55 -7.14 -25.45
CA ARG B 106 -0.07 -6.14 -24.61
C ARG B 106 0.97 -5.23 -23.97
N LEU B 107 0.68 -3.95 -23.86
CA LEU B 107 1.73 -2.98 -23.47
C LEU B 107 1.77 -2.67 -21.98
N GLY B 108 0.66 -2.80 -21.24
CA GLY B 108 0.68 -2.41 -19.83
C GLY B 108 1.74 -3.10 -19.00
N ARG B 109 1.95 -4.36 -19.30
CA ARG B 109 3.03 -5.19 -18.66
C ARG B 109 4.48 -4.70 -18.94
N LEU B 110 4.66 -3.80 -19.90
CA LEU B 110 6.06 -3.34 -20.20
C LEU B 110 6.36 -1.98 -19.57
N ILE B 111 5.39 -1.39 -18.87
CA ILE B 111 5.56 -0.07 -18.29
C ILE B 111 6.48 -0.13 -17.04
N ASN B 112 7.52 0.73 -16.99
CA ASN B 112 8.48 0.75 -15.84
C ASN B 112 8.00 1.52 -14.64
N HIS B 113 8.84 1.49 -13.57
CA HIS B 113 8.51 2.00 -12.26
C HIS B 113 9.07 3.38 -11.97
N SER B 114 8.25 4.22 -11.33
CA SER B 114 8.70 5.43 -10.64
C SER B 114 7.72 5.75 -9.55
N LYS B 115 8.24 6.13 -8.39
CA LYS B 115 7.43 6.71 -7.34
C LYS B 115 6.87 8.04 -7.74
N CYS B 116 7.48 8.71 -8.72
CA CYS B 116 6.95 9.97 -9.18
C CYS B 116 6.68 9.91 -10.67
N GLY B 117 5.82 8.96 -11.06
CA GLY B 117 5.49 8.65 -12.48
C GLY B 117 4.33 9.50 -13.00
N ASN B 118 3.68 8.96 -14.04
CA ASN B 118 2.61 9.71 -14.75
C ASN B 118 1.33 8.93 -14.97
N CYS B 119 1.30 7.72 -14.49
CA CYS B 119 0.07 6.87 -14.59
C CYS B 119 -0.26 6.41 -13.19
N GLN B 120 -1.57 6.22 -12.98
CA GLN B 120 -2.12 5.80 -11.74
C GLN B 120 -2.97 4.54 -12.07
N THR B 121 -2.76 3.48 -11.32
CA THR B 121 -3.60 2.28 -11.48
C THR B 121 -4.93 2.39 -10.74
N LYS B 122 -6.01 2.01 -11.45
CA LYS B 122 -7.37 2.02 -10.87
C LYS B 122 -8.08 0.69 -11.20
N LEU B 123 -8.99 0.31 -10.34
CA LEU B 123 -9.90 -0.80 -10.62
C LEU B 123 -11.08 -0.36 -11.42
N HIS B 124 -11.43 -1.15 -12.44
CA HIS B 124 -12.65 -0.90 -13.19
C HIS B 124 -13.32 -2.22 -13.42
N ASP B 125 -14.52 -2.39 -12.89
CA ASP B 125 -15.17 -3.67 -13.13
C ASP B 125 -16.19 -3.64 -14.23
N ILE B 126 -16.27 -4.75 -14.96
CA ILE B 126 -17.29 -4.89 -16.00
C ILE B 126 -18.11 -6.13 -15.65
N ASP B 127 -19.40 -5.98 -15.35
CA ASP B 127 -20.27 -7.15 -15.04
C ASP B 127 -19.70 -7.94 -13.84
N GLY B 128 -19.07 -7.25 -12.89
CA GLY B 128 -18.56 -7.90 -11.67
C GLY B 128 -17.19 -8.57 -11.84
N VAL B 129 -16.53 -8.36 -12.99
CA VAL B 129 -15.15 -8.85 -13.25
C VAL B 129 -14.22 -7.64 -13.14
N PRO B 130 -13.27 -7.66 -12.18
CA PRO B 130 -12.37 -6.52 -12.02
C PRO B 130 -11.30 -6.50 -13.12
N HIS B 131 -11.03 -5.30 -13.60
CA HIS B 131 -9.87 -5.06 -14.50
C HIS B 131 -9.00 -3.95 -13.89
N LEU B 132 -7.67 -4.04 -14.06
CA LEU B 132 -6.72 -2.96 -13.61
C LEU B 132 -6.42 -2.14 -14.82
N ILE B 133 -6.66 -0.85 -14.71
CA ILE B 133 -6.42 0.05 -15.82
C ILE B 133 -5.45 1.15 -15.35
N LEU B 134 -4.64 1.63 -16.26
CA LEU B 134 -3.81 2.80 -15.91
C LEU B 134 -4.46 4.00 -16.54
N ILE B 135 -4.53 5.03 -15.72
CA ILE B 135 -5.11 6.28 -16.06
C ILE B 135 -4.00 7.31 -15.94
N ALA B 136 -4.03 8.33 -16.77
CA ALA B 136 -2.98 9.37 -16.65
C ALA B 136 -3.20 10.14 -15.32
N SER B 137 -2.14 10.29 -14.50
CA SER B 137 -2.23 11.03 -13.22
C SER B 137 -1.94 12.53 -13.37
N ARG B 138 -1.42 12.85 -14.54
CA ARG B 138 -1.18 14.22 -14.93
C ARG B 138 -1.22 14.20 -16.43
N ASP B 139 -1.26 15.37 -17.04
CA ASP B 139 -1.08 15.37 -18.47
C ASP B 139 0.30 14.78 -18.78
N ILE B 140 0.32 13.98 -19.82
CA ILE B 140 1.55 13.27 -20.29
C ILE B 140 1.87 13.76 -21.67
N ALA B 141 3.12 14.17 -21.88
CA ALA B 141 3.56 14.69 -23.15
C ALA B 141 3.94 13.54 -24.07
N ALA B 142 3.63 13.66 -25.36
CA ALA B 142 4.28 12.78 -26.35
C ALA B 142 5.81 12.71 -26.12
N GLY B 143 6.30 11.49 -26.06
CA GLY B 143 7.74 11.25 -25.95
C GLY B 143 8.12 10.86 -24.54
N GLU B 144 7.19 11.01 -23.60
CA GLU B 144 7.48 10.66 -22.20
C GLU B 144 7.38 9.16 -22.07
N GLU B 145 8.26 8.60 -21.26
CA GLU B 145 8.06 7.21 -20.83
C GLU B 145 6.89 7.20 -19.85
N LEU B 146 6.00 6.21 -20.05
CA LEU B 146 4.94 5.95 -19.11
C LEU B 146 5.59 5.27 -17.88
N LEU B 147 5.18 5.70 -16.71
CA LEU B 147 5.74 5.13 -15.47
C LEU B 147 4.67 5.12 -14.45
N PHE B 148 4.64 4.11 -13.59
CA PHE B 148 3.77 4.22 -12.44
C PHE B 148 4.49 3.59 -11.24
N ASP B 149 3.92 3.72 -10.07
CA ASP B 149 4.60 3.31 -8.85
C ASP B 149 4.24 1.87 -8.65
N TYR B 150 5.19 0.94 -8.82
CA TYR B 150 4.90 -0.48 -8.60
C TYR B 150 4.39 -0.76 -7.21
N GLY B 151 4.77 0.06 -6.21
CA GLY B 151 4.13 0.02 -4.90
C GLY B 151 4.72 -1.05 -3.99
N ASP B 152 5.93 -1.53 -4.36
CA ASP B 152 6.67 -2.47 -3.49
C ASP B 152 7.71 -1.76 -2.57
N ARG B 153 7.39 -1.73 -1.28
CA ARG B 153 8.21 -1.09 -0.24
C ARG B 153 9.08 -2.07 0.57
N SER B 154 9.08 -3.32 0.14
CA SER B 154 9.76 -4.35 0.94
C SER B 154 11.29 -4.10 0.93
N LYS B 155 11.92 -4.39 2.06
CA LYS B 155 13.37 -4.17 2.23
C LYS B 155 14.11 -5.12 1.31
N ALA B 156 13.62 -6.36 1.20
CA ALA B 156 14.27 -7.40 0.36
C ALA B 156 14.20 -7.02 -1.11
N SER B 157 13.06 -6.46 -1.50
CA SER B 157 12.88 -6.06 -2.89
C SER B 157 13.76 -4.90 -3.20
N ILE B 158 13.78 -3.91 -2.32
CA ILE B 158 14.57 -2.70 -2.53
C ILE B 158 16.07 -3.00 -2.56
N GLU B 159 16.51 -3.93 -1.74
CA GLU B 159 17.94 -4.26 -1.73
C GLU B 159 18.34 -4.90 -3.06
N ALA B 160 17.49 -5.79 -3.57
CA ALA B 160 17.70 -6.47 -4.83
C ALA B 160 17.45 -5.62 -6.04
N HIS B 161 16.59 -4.59 -5.89
CA HIS B 161 16.13 -3.78 -7.00
C HIS B 161 16.15 -2.35 -6.53
N PRO B 162 17.33 -1.75 -6.44
CA PRO B 162 17.46 -0.41 -5.83
C PRO B 162 16.68 0.71 -6.51
N TRP B 163 16.38 0.52 -7.80
CA TRP B 163 15.54 1.47 -8.56
C TRP B 163 14.13 1.62 -7.94
N LEU B 164 13.73 0.69 -7.08
CA LEU B 164 12.42 0.82 -6.39
C LEU B 164 12.35 2.03 -5.50
N LYS B 165 13.51 2.56 -5.12
CA LYS B 165 13.60 3.71 -4.21
C LYS B 165 13.23 5.06 -4.86
N HIS B 166 13.24 5.11 -6.19
CA HIS B 166 12.99 6.37 -6.88
C HIS B 166 11.72 6.31 -7.70
N LYS C 2 -15.79 7.01 2.24
CA LYS C 2 -15.97 7.35 3.69
C LYS C 2 -14.77 6.79 4.47
N ARG C 3 -14.08 7.67 5.19
CA ARG C 3 -12.81 7.28 5.80
C ARG C 3 -13.03 6.79 7.22
N HIS C 4 -12.15 5.89 7.68
CA HIS C 4 -12.03 5.62 9.12
C HIS C 4 -10.75 6.23 9.65
N ARG C 5 -10.56 6.16 10.95
CA ARG C 5 -9.28 6.60 11.54
C ARG C 5 -8.71 5.48 12.44
N MLZ C 6 -7.63 5.81 13.16
CA MLZ C 6 -7.07 5.05 14.28
CB MLZ C 6 -5.64 4.56 14.03
CG MLZ C 6 -5.64 3.64 12.78
CD MLZ C 6 -4.17 3.39 12.33
CE MLZ C 6 -4.22 2.71 10.95
NZ MLZ C 6 -2.90 2.54 10.30
CM MLZ C 6 -2.99 2.08 8.94
C MLZ C 6 -7.09 5.96 15.47
O MLZ C 6 -6.90 7.14 15.36
N VAL C 7 -7.44 5.42 16.61
CA VAL C 7 -7.55 6.22 17.84
C VAL C 7 -6.98 5.44 19.00
N LEU C 8 -6.11 6.08 19.79
CA LEU C 8 -5.60 5.41 21.00
C LEU C 8 -6.69 5.38 22.12
N LYS D 2 15.53 -13.34 -5.86
CA LYS D 2 15.08 -12.01 -5.36
C LYS D 2 14.14 -11.32 -6.37
N ARG D 3 12.85 -11.64 -6.24
CA ARG D 3 11.78 -11.06 -7.05
C ARG D 3 11.10 -9.87 -6.35
N HIS D 4 10.58 -8.93 -7.13
CA HIS D 4 9.73 -7.86 -6.58
C HIS D 4 8.31 -8.12 -7.12
N ARG D 5 7.37 -7.38 -6.55
CA ARG D 5 5.93 -7.42 -6.93
C ARG D 5 5.47 -6.05 -7.44
N MLZ D 6 4.20 -5.98 -7.88
CA MLZ D 6 3.49 -4.76 -8.03
CB MLZ D 6 3.01 -4.54 -9.49
CG MLZ D 6 4.22 -4.42 -10.43
CD MLZ D 6 3.80 -4.47 -11.92
CE MLZ D 6 5.04 -4.72 -12.75
NZ MLZ D 6 4.77 -4.81 -14.16
CM MLZ D 6 5.85 -5.09 -15.03
C MLZ D 6 2.27 -4.86 -7.12
O MLZ D 6 1.68 -5.99 -7.05
N VAL D 7 1.94 -3.81 -6.42
CA VAL D 7 0.80 -3.87 -5.48
C VAL D 7 0.02 -2.63 -5.59
N LEU D 8 -1.32 -2.80 -5.76
CA LEU D 8 -2.23 -1.65 -5.78
C LEU D 8 -2.58 -1.22 -4.35
N ARG D 9 -2.02 -0.10 -3.87
CA ARG D 9 -2.12 0.28 -2.45
C ARG D 9 -3.42 0.94 -2.08
N SAH E . -3.52 -2.97 4.32
CA SAH E . -2.99 -1.62 4.15
CB SAH E . -2.07 -1.28 5.34
CG SAH E . -2.91 -0.85 6.56
SD SAH E . -3.67 0.78 6.17
C SAH E . -2.18 -1.43 2.91
O SAH E . -1.68 -0.33 2.68
OXT SAH E . -2.03 -2.35 2.11
C5' SAH E . -5.45 0.52 6.66
C4' SAH E . -6.26 -0.23 5.59
O4' SAH E . -5.90 -1.59 5.61
C3' SAH E . -7.77 -0.26 5.90
O3' SAH E . -8.40 0.97 5.55
C2' SAH E . -8.22 -1.45 5.07
O2' SAH E . -8.26 -1.09 3.69
C1' SAH E . -7.07 -2.40 5.33
N9 SAH E . -7.31 -3.19 6.49
C8 SAH E . -6.75 -3.13 7.75
N7 SAH E . -7.14 -4.03 8.55
C5 SAH E . -8.07 -4.79 7.80
C6 SAH E . -8.83 -5.90 8.17
N6 SAH E . -8.85 -6.49 9.31
N1 SAH E . -9.66 -6.39 7.11
C2 SAH E . -9.65 -5.74 5.92
N3 SAH E . -8.96 -4.67 5.51
C4 SAH E . -8.14 -4.23 6.53
N SAH F . 11.69 -3.13 -18.40
CA SAH F . 10.90 -4.43 -18.53
CB SAH F . 9.42 -4.03 -18.60
CG SAH F . 8.85 -3.91 -17.20
SD SAH F . 8.90 -5.47 -16.28
C SAH F . 11.35 -5.28 -19.71
O SAH F . 10.82 -6.42 -19.79
OXT SAH F . 12.20 -4.90 -20.50
C5' SAH F . 9.69 -4.94 -14.77
C4' SAH F . 11.24 -4.83 -14.77
O4' SAH F . 11.64 -3.72 -15.55
C3' SAH F . 11.93 -4.73 -13.43
O3' SAH F . 11.97 -5.99 -12.81
C2' SAH F . 13.24 -4.13 -13.84
O2' SAH F . 14.12 -5.12 -14.42
C1' SAH F . 12.84 -3.17 -14.95
N9 SAH F . 12.51 -1.86 -14.40
C8 SAH F . 11.24 -1.30 -14.17
N7 SAH F . 11.38 -0.07 -13.65
C5 SAH F . 12.74 0.21 -13.57
C6 SAH F . 13.42 1.30 -13.12
N6 SAH F . 12.90 2.43 -12.67
N1 SAH F . 14.81 1.21 -13.21
C2 SAH F . 15.40 0.06 -13.63
N3 SAH F . 14.77 -1.03 -14.08
C4 SAH F . 13.38 -0.93 -14.03
#